data_6G78
#
_entry.id   6G78
#
_cell.length_a   52.015
_cell.length_b   110.614
_cell.length_c   66.559
_cell.angle_alpha   90.000
_cell.angle_beta   90.220
_cell.angle_gamma   90.000
#
_symmetry.space_group_name_H-M   'P 1 21 1'
#
loop_
_entity.id
_entity.type
_entity.pdbx_description
1 polymer 'Ribosomal protein S6 kinase alpha-6'
2 non-polymer 'PHOSPHOAMINOPHOSPHONIC ACID-ADENYLATE ESTER'
3 water water
#
_entity_poly.entity_id   1
_entity_poly.type   'polypeptide(L)'
_entity_poly.pdbx_seq_one_letter_code
;GPLGSDEGVVKEIPITHHVKEGYEKADPAQFELLKVLGQGSFGKVFLVRKKTGPDAGQLYAMKVLKKASLKVRDRVRTKM
ERDILVEVNHPFIVKLHYAFQTEGKLYLILDFLRGGDVFTRLSKEVLFTEEDVKFYLAELALALDHLHQLGIVYRDLKPE
NILLDEIGHIKLTDFGLSKESVDQEKKAYEFCGTVEYMAPEVVNRRGHSQSADWWSYGVLMFEMLTGTLPFQGKDRNETM
NMILKAKLGMPQFLSAEAQSLLRMLFKRNPANRLGSEGVEEIKRHLFFANIDWDKLYKREVQPPFKP
;
_entity_poly.pdbx_strand_id   A,B
#
loop_
_chem_comp.id
_chem_comp.type
_chem_comp.name
_chem_comp.formula
ANP non-polymer 'PHOSPHOAMINOPHOSPHONIC ACID-ADENYLATE ESTER' 'C10 H17 N6 O12 P3'
#
# COMPACT_ATOMS: atom_id res chain seq x y z
N VAL A 9 -6.65 20.63 24.42
CA VAL A 9 -8.08 20.71 24.13
C VAL A 9 -8.51 19.59 23.18
N VAL A 10 -9.64 18.96 23.50
CA VAL A 10 -10.21 17.94 22.64
C VAL A 10 -10.77 18.59 21.37
N LYS A 11 -10.23 18.19 20.22
CA LYS A 11 -10.74 18.65 18.93
C LYS A 11 -11.28 17.48 18.12
N GLU A 12 -12.56 17.53 17.80
CA GLU A 12 -13.15 16.47 16.99
C GLU A 12 -12.88 16.78 15.53
N ILE A 13 -12.47 15.76 14.78
CA ILE A 13 -12.22 15.92 13.37
C ILE A 13 -13.12 14.97 12.61
N PRO A 14 -14.15 15.53 11.96
CA PRO A 14 -15.11 14.72 11.19
C PRO A 14 -14.40 13.95 10.09
N ILE A 15 -14.90 12.75 9.80
CA ILE A 15 -14.33 11.93 8.74
C ILE A 15 -15.26 11.94 7.55
N THR A 16 -14.86 12.66 6.50
CA THR A 16 -15.69 12.76 5.31
C THR A 16 -14.97 12.24 4.08
N HIS A 17 -13.66 12.47 4.01
CA HIS A 17 -12.89 12.01 2.85
C HIS A 17 -11.47 11.57 3.21
N HIS A 18 -11.06 10.45 2.62
CA HIS A 18 -9.73 9.90 2.84
C HIS A 18 -9.32 8.97 1.71
N VAL A 19 -8.20 9.29 1.08
CA VAL A 19 -7.65 8.49 0.00
C VAL A 19 -6.24 8.07 0.38
N LYS A 20 -5.99 6.77 0.44
CA LYS A 20 -4.66 6.31 0.83
C LYS A 20 -3.63 6.85 -0.16
N GLU A 21 -2.51 7.31 0.39
CA GLU A 21 -1.42 7.91 -0.36
C GLU A 21 -1.09 7.17 -1.65
N GLY A 22 -1.06 7.91 -2.76
CA GLY A 22 -0.71 7.33 -4.05
C GLY A 22 -1.88 6.82 -4.85
N TYR A 23 -3.07 6.81 -4.24
CA TYR A 23 -4.25 6.29 -4.91
C TYR A 23 -5.23 7.40 -5.28
N GLU A 24 -6.35 7.02 -5.89
CA GLU A 24 -7.35 7.97 -6.35
C GLU A 24 -8.64 7.86 -5.54
N LYS A 25 -9.42 8.95 -5.54
CA LYS A 25 -10.71 9.01 -4.87
C LYS A 25 -11.60 7.84 -5.23
N ALA A 26 -12.05 7.12 -4.21
CA ALA A 26 -12.91 5.95 -4.43
C ALA A 26 -14.38 6.33 -4.31
N ASP A 27 -15.24 5.38 -4.67
CA ASP A 27 -16.68 5.56 -4.62
C ASP A 27 -17.34 4.18 -4.61
N PRO A 28 -18.61 4.08 -4.18
CA PRO A 28 -19.24 2.77 -4.05
C PRO A 28 -19.23 1.91 -5.32
N ALA A 29 -19.14 2.54 -6.48
CA ALA A 29 -19.18 1.80 -7.75
C ALA A 29 -17.82 1.21 -8.11
N GLN A 30 -16.86 1.28 -7.19
CA GLN A 30 -15.55 0.69 -7.40
C GLN A 30 -15.41 -0.58 -6.57
N PHE A 31 -16.45 -0.88 -5.81
CA PHE A 31 -16.42 -2.04 -4.95
C PHE A 31 -17.55 -3.01 -5.27
N GLU A 32 -17.46 -4.18 -4.67
CA GLU A 32 -18.29 -5.31 -5.03
C GLU A 32 -18.67 -6.05 -3.75
N LEU A 33 -19.89 -5.84 -3.30
CA LEU A 33 -20.40 -6.48 -2.10
C LEU A 33 -20.44 -8.00 -2.27
N LEU A 34 -19.74 -8.71 -1.39
CA LEU A 34 -19.64 -10.16 -1.52
C LEU A 34 -20.31 -10.90 -0.37
N LYS A 35 -20.07 -10.43 0.84
CA LYS A 35 -20.35 -11.22 2.04
C LYS A 35 -20.48 -10.30 3.25
N VAL A 36 -21.22 -10.77 4.25
CA VAL A 36 -21.27 -10.05 5.52
C VAL A 36 -20.20 -10.63 6.44
N LEU A 37 -19.15 -9.85 6.65
CA LEU A 37 -18.04 -10.28 7.51
C LEU A 37 -18.54 -10.48 8.94
N GLY A 38 -19.27 -9.50 9.46
CA GLY A 38 -19.80 -9.61 10.81
C GLY A 38 -20.81 -8.54 11.16
N GLN A 39 -21.26 -8.56 12.41
CA GLN A 39 -22.19 -7.55 12.90
C GLN A 39 -21.58 -6.87 14.12
N GLY A 40 -21.48 -5.56 14.07
CA GLY A 40 -20.97 -4.80 15.19
C GLY A 40 -22.06 -3.90 15.71
N SER A 41 -21.80 -3.23 16.83
CA SER A 41 -22.80 -2.42 17.51
C SER A 41 -23.33 -1.30 16.60
N PHE A 42 -22.52 -0.88 15.64
CA PHE A 42 -22.92 0.18 14.71
C PHE A 42 -23.33 -0.36 13.34
N GLY A 43 -23.81 -1.60 13.31
CA GLY A 43 -24.26 -2.19 12.05
C GLY A 43 -23.29 -3.21 11.51
N LYS A 44 -23.57 -3.71 10.31
CA LYS A 44 -22.79 -4.78 9.73
C LYS A 44 -21.47 -4.32 9.11
N VAL A 45 -20.50 -5.22 9.17
CA VAL A 45 -19.23 -5.06 8.47
C VAL A 45 -19.20 -6.04 7.31
N PHE A 46 -19.00 -5.50 6.11
CA PHE A 46 -19.11 -6.28 4.89
C PHE A 46 -17.76 -6.68 4.34
N LEU A 47 -17.77 -7.67 3.44
CA LEU A 47 -16.61 -7.98 2.63
C LEU A 47 -16.85 -7.43 1.24
N VAL A 48 -15.91 -6.62 0.75
CA VAL A 48 -16.03 -6.10 -0.60
C VAL A 48 -14.80 -6.45 -1.42
N ARG A 49 -14.96 -6.51 -2.74
CA ARG A 49 -13.80 -6.64 -3.62
C ARG A 49 -13.72 -5.38 -4.47
N LYS A 50 -12.54 -4.79 -4.53
CA LYS A 50 -12.38 -3.60 -5.35
C LYS A 50 -12.23 -4.02 -6.81
N LYS A 51 -12.95 -3.34 -7.69
CA LYS A 51 -13.02 -3.73 -9.09
C LYS A 51 -12.14 -2.84 -9.97
N THR A 52 -11.46 -1.89 -9.33
CA THR A 52 -10.83 -0.78 -10.06
C THR A 52 -9.42 -0.46 -9.56
N GLY A 53 -8.54 -0.10 -10.49
CA GLY A 53 -7.25 0.48 -10.15
C GLY A 53 -6.13 -0.49 -9.82
N PRO A 54 -5.06 0.02 -9.19
CA PRO A 54 -3.88 -0.77 -8.82
C PRO A 54 -4.23 -1.92 -7.88
N ASP A 55 -5.27 -1.75 -7.08
CA ASP A 55 -5.66 -2.77 -6.12
C ASP A 55 -6.98 -3.42 -6.51
N ALA A 56 -7.30 -3.39 -7.80
CA ALA A 56 -8.49 -4.06 -8.30
C ALA A 56 -8.40 -5.56 -7.99
N GLY A 57 -9.42 -6.08 -7.32
CA GLY A 57 -9.44 -7.48 -6.95
C GLY A 57 -9.03 -7.69 -5.50
N GLN A 58 -8.63 -6.61 -4.85
CA GLN A 58 -8.27 -6.68 -3.43
C GLN A 58 -9.51 -6.78 -2.57
N LEU A 59 -9.42 -7.59 -1.51
CA LEU A 59 -10.52 -7.75 -0.58
C LEU A 59 -10.40 -6.77 0.58
N TYR A 60 -11.49 -6.07 0.86
CA TYR A 60 -11.51 -5.16 1.98
C TYR A 60 -12.69 -5.43 2.89
N ALA A 61 -12.60 -4.92 4.11
CA ALA A 61 -13.75 -4.83 4.98
C ALA A 61 -14.39 -3.47 4.75
N MET A 62 -15.71 -3.41 4.81
CA MET A 62 -16.37 -2.11 4.65
C MET A 62 -17.42 -1.85 5.72
N LYS A 63 -17.29 -0.70 6.35
CA LYS A 63 -18.21 -0.24 7.37
C LYS A 63 -19.07 0.90 6.84
N VAL A 64 -20.37 0.84 7.08
CA VAL A 64 -21.29 1.83 6.54
C VAL A 64 -22.00 2.58 7.66
N LEU A 65 -21.55 3.80 7.93
CA LEU A 65 -22.14 4.58 9.01
C LEU A 65 -22.88 5.78 8.45
N LYS A 66 -23.64 6.47 9.29
CA LYS A 66 -24.28 7.72 8.90
C LYS A 66 -23.26 8.85 8.95
N LYS A 67 -22.40 8.80 9.97
CA LYS A 67 -21.32 9.77 10.13
C LYS A 67 -20.29 9.25 11.13
N ALA A 68 -19.10 9.85 11.12
CA ALA A 68 -18.06 9.47 12.07
C ALA A 68 -17.07 10.61 12.29
N SER A 69 -16.59 10.74 13.52
CA SER A 69 -15.65 11.80 13.88
C SER A 69 -14.52 11.25 14.77
N LEU A 70 -13.42 11.98 14.85
CA LEU A 70 -12.28 11.54 15.65
C LEU A 70 -11.86 12.59 16.67
N LYS A 71 -12.14 12.33 17.94
CA LYS A 71 -11.85 13.30 19.00
C LYS A 71 -10.41 13.17 19.50
N VAL A 72 -9.62 14.23 19.26
CA VAL A 72 -8.19 14.22 19.54
C VAL A 72 -7.75 15.39 20.42
N ARG A 73 -7.25 15.09 21.62
CA ARG A 73 -6.67 16.12 22.47
C ARG A 73 -5.47 16.71 21.72
N ASP A 74 -5.44 18.05 21.67
CA ASP A 74 -4.67 18.89 20.73
C ASP A 74 -5.60 19.31 19.60
N ASP A 83 -4.45 13.80 8.06
CA ASP A 83 -3.15 13.32 8.52
C ASP A 83 -3.30 12.45 9.78
N ILE A 84 -4.28 12.77 10.60
CA ILE A 84 -4.52 11.98 11.80
C ILE A 84 -4.83 10.54 11.38
N LEU A 85 -5.27 10.37 10.14
CA LEU A 85 -5.61 9.06 9.59
C LEU A 85 -4.36 8.35 9.10
N VAL A 86 -3.30 9.13 8.89
CA VAL A 86 -2.04 8.59 8.42
C VAL A 86 -1.13 8.32 9.61
N GLU A 87 -1.38 9.03 10.71
CA GLU A 87 -0.59 8.87 11.92
C GLU A 87 -1.11 7.75 12.81
N VAL A 88 -2.33 7.28 12.55
CA VAL A 88 -2.90 6.19 13.34
C VAL A 88 -2.43 4.82 12.84
N ASN A 89 -1.83 4.80 11.66
CA ASN A 89 -1.32 3.57 11.08
C ASN A 89 -0.39 2.88 12.06
N HIS A 90 -0.64 1.60 12.29
CA HIS A 90 0.14 0.85 13.26
C HIS A 90 0.19 -0.62 12.84
N PRO A 91 1.26 -1.35 13.24
CA PRO A 91 1.34 -2.78 12.94
C PRO A 91 0.15 -3.60 13.47
N PHE A 92 -0.50 -3.11 14.53
CA PHE A 92 -1.56 -3.87 15.16
C PHE A 92 -2.90 -3.13 15.14
N ILE A 93 -3.03 -2.14 14.26
CA ILE A 93 -4.28 -1.42 14.10
C ILE A 93 -4.72 -1.52 12.64
N VAL A 94 -6.01 -1.79 12.43
CA VAL A 94 -6.55 -1.91 11.08
C VAL A 94 -6.28 -0.63 10.30
N LYS A 95 -5.91 -0.78 9.04
CA LYS A 95 -5.59 0.37 8.22
C LYS A 95 -6.77 0.85 7.39
N LEU A 96 -6.96 2.17 7.40
CA LEU A 96 -7.94 2.83 6.55
C LEU A 96 -7.43 3.03 5.13
N HIS A 97 -8.08 2.41 4.15
CA HIS A 97 -7.67 2.62 2.77
C HIS A 97 -8.48 3.72 2.14
N TYR A 98 -9.79 3.71 2.36
CA TYR A 98 -10.65 4.73 1.74
C TYR A 98 -11.77 5.20 2.63
N ALA A 99 -12.10 6.48 2.61
CA ALA A 99 -13.30 6.95 3.28
C ALA A 99 -14.02 7.92 2.37
N PHE A 100 -15.31 7.70 2.15
CA PHE A 100 -16.04 8.64 1.31
C PHE A 100 -17.51 8.74 1.68
N GLN A 101 -18.22 9.67 1.04
CA GLN A 101 -19.62 9.86 1.37
C GLN A 101 -20.48 9.86 0.13
N THR A 102 -21.57 9.10 0.18
CA THR A 102 -22.60 9.17 -0.85
C THR A 102 -23.96 9.03 -0.20
N GLU A 103 -24.89 9.88 -0.62
CA GLU A 103 -26.29 9.76 -0.25
C GLU A 103 -26.54 9.63 1.25
N GLY A 104 -25.90 10.49 2.03
CA GLY A 104 -26.11 10.53 3.46
C GLY A 104 -25.37 9.45 4.24
N LYS A 105 -24.53 8.68 3.54
CA LYS A 105 -23.78 7.62 4.21
C LYS A 105 -22.27 7.77 4.03
N LEU A 106 -21.56 7.50 5.12
CA LEU A 106 -20.11 7.44 5.13
C LEU A 106 -19.61 6.00 5.02
N TYR A 107 -18.76 5.78 4.05
CA TYR A 107 -18.19 4.49 3.74
C TYR A 107 -16.75 4.40 4.17
N LEU A 108 -16.44 3.30 4.86
CA LEU A 108 -15.16 3.03 5.43
C LEU A 108 -14.58 1.74 4.81
N ILE A 109 -13.56 1.92 3.96
CA ILE A 109 -12.85 0.81 3.36
C ILE A 109 -11.54 0.55 4.08
N LEU A 110 -11.47 -0.59 4.74
CA LEU A 110 -10.32 -0.98 5.57
C LEU A 110 -9.79 -2.38 5.27
N ASP A 111 -8.73 -2.75 5.99
CA ASP A 111 -8.10 -4.05 5.88
C ASP A 111 -9.08 -5.20 6.14
N PHE A 112 -8.91 -6.29 5.40
CA PHE A 112 -9.66 -7.50 5.66
C PHE A 112 -8.84 -8.46 6.53
N LEU A 113 -9.25 -8.60 7.79
CA LEU A 113 -8.53 -9.44 8.74
C LEU A 113 -8.99 -10.89 8.66
N ARG A 114 -8.10 -11.75 8.16
CA ARG A 114 -8.46 -13.13 7.82
C ARG A 114 -8.24 -14.10 8.97
N GLY A 115 -7.87 -13.59 10.14
CA GLY A 115 -7.58 -14.45 11.27
C GLY A 115 -8.80 -14.78 12.11
N GLY A 116 -9.85 -13.98 11.98
CA GLY A 116 -10.98 -14.08 12.87
C GLY A 116 -10.58 -13.39 14.16
N ASP A 117 -11.47 -13.38 15.16
CA ASP A 117 -11.14 -12.72 16.41
C ASP A 117 -10.29 -13.64 17.29
N VAL A 118 -9.70 -13.08 18.33
CA VAL A 118 -8.73 -13.82 19.14
C VAL A 118 -9.41 -14.87 20.01
N PHE A 119 -10.50 -14.49 20.66
CA PHE A 119 -11.20 -15.38 21.59
C PHE A 119 -11.62 -16.71 20.94
N THR A 120 -12.05 -16.65 19.69
CA THR A 120 -12.43 -17.86 18.96
C THR A 120 -11.20 -18.74 18.73
N ARG A 121 -10.12 -18.11 18.28
CA ARG A 121 -8.86 -18.82 18.05
C ARG A 121 -8.37 -19.50 19.32
N LEU A 122 -8.58 -18.84 20.46
CA LEU A 122 -8.25 -19.42 21.76
C LEU A 122 -9.18 -20.59 22.06
N SER A 123 -10.43 -20.48 21.62
CA SER A 123 -11.41 -21.52 21.85
C SER A 123 -11.15 -22.76 21.00
N LYS A 124 -10.31 -22.65 19.98
CA LYS A 124 -9.95 -23.83 19.20
C LYS A 124 -8.68 -24.52 19.72
N GLU A 125 -8.26 -24.14 20.93
CA GLU A 125 -7.20 -24.84 21.65
C GLU A 125 -7.79 -25.44 22.92
N VAL A 126 -7.36 -26.64 23.29
CA VAL A 126 -7.87 -27.28 24.51
C VAL A 126 -7.40 -26.53 25.74
N LEU A 127 -6.18 -26.02 25.68
CA LEU A 127 -5.63 -25.17 26.73
C LEU A 127 -4.55 -24.26 26.17
N PHE A 128 -4.23 -23.21 26.91
CA PHE A 128 -3.14 -22.32 26.56
C PHE A 128 -2.47 -21.80 27.82
N THR A 129 -1.25 -21.29 27.70
CA THR A 129 -0.52 -20.81 28.86
C THR A 129 -0.62 -19.29 29.00
N GLU A 130 -0.12 -18.77 30.11
CA GLU A 130 -0.10 -17.33 30.34
C GLU A 130 0.79 -16.64 29.32
N GLU A 131 1.76 -17.37 28.78
CA GLU A 131 2.64 -16.85 27.73
C GLU A 131 1.86 -16.48 26.48
N ASP A 132 1.00 -17.42 26.06
CA ASP A 132 0.20 -17.28 24.86
C ASP A 132 -0.67 -16.01 24.94
N VAL A 133 -1.40 -15.88 26.03
CA VAL A 133 -2.19 -14.67 26.29
C VAL A 133 -1.30 -13.43 26.31
N LYS A 134 -0.16 -13.55 26.99
CA LYS A 134 0.80 -12.46 27.14
C LYS A 134 1.22 -11.84 25.83
N PHE A 135 1.42 -12.68 24.82
CA PHE A 135 1.73 -12.19 23.47
C PHE A 135 0.68 -11.18 22.98
N TYR A 136 -0.58 -11.61 23.07
CA TYR A 136 -1.72 -10.80 22.64
C TYR A 136 -1.80 -9.49 23.41
N LEU A 137 -1.65 -9.58 24.73
CA LEU A 137 -1.74 -8.39 25.58
C LEU A 137 -0.59 -7.42 25.34
N ALA A 138 0.56 -7.95 24.94
CA ALA A 138 1.71 -7.12 24.63
C ALA A 138 1.46 -6.31 23.36
N GLU A 139 1.08 -7.01 22.30
CA GLU A 139 0.77 -6.33 21.03
C GLU A 139 -0.35 -5.29 21.20
N LEU A 140 -1.39 -5.72 21.92
CA LEU A 140 -2.53 -4.87 22.23
C LEU A 140 -2.11 -3.60 22.99
N ALA A 141 -1.24 -3.76 23.98
CA ALA A 141 -0.75 -2.62 24.76
C ALA A 141 -0.01 -1.66 23.86
N LEU A 142 0.80 -2.19 22.95
CA LEU A 142 1.48 -1.35 21.96
C LEU A 142 0.50 -0.51 21.14
N ALA A 143 -0.53 -1.17 20.59
CA ALA A 143 -1.51 -0.45 19.76
C ALA A 143 -2.27 0.62 20.56
N LEU A 144 -2.78 0.22 21.73
CA LEU A 144 -3.49 1.13 22.61
C LEU A 144 -2.68 2.38 22.93
N ASP A 145 -1.43 2.17 23.34
CA ASP A 145 -0.60 3.33 23.65
C ASP A 145 -0.29 4.14 22.41
N HIS A 146 -0.22 3.50 21.25
CA HIS A 146 -0.04 4.25 20.01
C HIS A 146 -1.19 5.21 19.79
N LEU A 147 -2.40 4.76 20.15
CA LEU A 147 -3.54 5.66 20.07
C LEU A 147 -3.48 6.75 21.15
N HIS A 148 -2.93 6.41 22.31
CA HIS A 148 -2.89 7.34 23.43
C HIS A 148 -1.87 8.46 23.25
N GLN A 149 -0.78 8.18 22.53
CA GLN A 149 0.24 9.18 22.27
C GLN A 149 -0.28 10.25 21.29
N LEU A 150 -1.42 9.97 20.67
CA LEU A 150 -1.99 10.86 19.67
C LEU A 150 -3.25 11.56 20.19
N GLY A 151 -3.56 11.39 21.47
CA GLY A 151 -4.72 12.03 22.07
C GLY A 151 -6.01 11.30 21.75
N ILE A 152 -5.90 10.06 21.28
CA ILE A 152 -7.06 9.26 20.94
C ILE A 152 -7.39 8.28 22.06
N VAL A 153 -8.66 8.15 22.37
CA VAL A 153 -9.14 7.15 23.32
C VAL A 153 -10.00 6.12 22.59
N TYR A 154 -9.68 4.84 22.79
CA TYR A 154 -10.37 3.76 22.08
C TYR A 154 -11.82 3.62 22.57
N ARG A 155 -12.05 3.98 23.83
CA ARG A 155 -13.39 4.03 24.41
C ARG A 155 -14.10 2.68 24.51
N ASP A 156 -14.34 2.04 23.37
CA ASP A 156 -15.03 0.75 23.36
C ASP A 156 -14.13 -0.43 23.03
N LEU A 157 -13.36 -0.88 24.01
CA LEU A 157 -12.46 -2.01 23.82
C LEU A 157 -13.15 -3.31 24.21
N LYS A 158 -13.21 -4.25 23.28
CA LYS A 158 -13.84 -5.54 23.54
C LYS A 158 -13.19 -6.63 22.71
N PRO A 159 -13.57 -7.89 22.95
CA PRO A 159 -13.02 -9.03 22.22
C PRO A 159 -13.38 -9.00 20.74
N GLU A 160 -14.58 -8.54 20.42
CA GLU A 160 -15.05 -8.46 19.05
C GLU A 160 -14.22 -7.50 18.20
N ASN A 161 -13.48 -6.62 18.88
CA ASN A 161 -12.63 -5.64 18.23
C ASN A 161 -11.22 -6.14 18.00
N ILE A 162 -10.85 -7.22 18.69
CA ILE A 162 -9.50 -7.75 18.58
C ILE A 162 -9.48 -8.98 17.69
N LEU A 163 -8.99 -8.79 16.47
CA LEU A 163 -8.93 -9.87 15.50
C LEU A 163 -7.48 -10.26 15.23
N LEU A 164 -7.29 -11.22 14.34
CA LEU A 164 -5.95 -11.64 13.96
C LEU A 164 -5.78 -11.43 12.47
N ASP A 165 -4.54 -11.23 12.03
CA ASP A 165 -4.26 -11.23 10.61
C ASP A 165 -4.04 -12.67 10.16
N GLU A 166 -3.39 -12.86 9.03
CA GLU A 166 -3.20 -14.19 8.48
C GLU A 166 -2.16 -14.99 9.26
N ILE A 167 -1.27 -14.27 9.95
CA ILE A 167 -0.17 -14.89 10.70
C ILE A 167 -0.58 -15.23 12.12
N GLY A 168 -1.41 -14.38 12.71
CA GLY A 168 -1.85 -14.58 14.08
C GLY A 168 -1.56 -13.35 14.92
N HIS A 169 -1.04 -12.31 14.26
CA HIS A 169 -0.80 -11.05 14.93
C HIS A 169 -2.11 -10.33 15.21
N ILE A 170 -2.11 -9.53 16.26
CA ILE A 170 -3.26 -8.73 16.65
C ILE A 170 -3.57 -7.64 15.63
N LYS A 171 -4.86 -7.39 15.39
CA LYS A 171 -5.31 -6.20 14.68
C LYS A 171 -6.61 -5.71 15.31
N LEU A 172 -6.63 -4.47 15.77
CA LEU A 172 -7.84 -3.85 16.30
C LEU A 172 -8.71 -3.42 15.12
N THR A 173 -10.03 -3.56 15.26
CA THR A 173 -10.93 -3.32 14.13
C THR A 173 -11.33 -1.85 13.98
N ASP A 174 -11.03 -1.03 14.98
CA ASP A 174 -11.23 0.41 14.88
C ASP A 174 -10.08 1.15 15.55
N PHE A 175 -10.22 2.46 15.72
CA PHE A 175 -9.14 3.26 16.29
C PHE A 175 -9.64 4.57 16.91
N GLY A 176 -10.63 4.47 17.78
CA GLY A 176 -11.10 5.59 18.57
C GLY A 176 -12.11 6.49 17.89
N LEU A 177 -12.71 6.00 16.82
CA LEU A 177 -13.74 6.76 16.10
C LEU A 177 -14.99 6.94 16.92
N SER A 178 -15.53 8.15 16.90
CA SER A 178 -16.88 8.39 17.38
C SER A 178 -17.82 8.21 16.20
N LYS A 179 -18.69 7.22 16.29
CA LYS A 179 -19.48 6.79 15.13
C LYS A 179 -20.99 6.93 15.36
N GLU A 180 -21.74 6.74 14.29
CA GLU A 180 -23.20 6.84 14.34
C GLU A 180 -23.81 5.89 13.32
N SER A 181 -24.45 4.83 13.80
CA SER A 181 -25.05 3.83 12.92
C SER A 181 -26.07 4.46 11.96
N VAL A 182 -26.29 3.83 10.82
CA VAL A 182 -27.16 4.41 9.80
C VAL A 182 -28.60 3.91 9.94
N ASP A 183 -28.76 2.63 10.29
CA ASP A 183 -30.09 2.07 10.52
C ASP A 183 -30.67 2.66 11.80
N GLN A 184 -31.19 3.88 11.68
CA GLN A 184 -31.84 4.65 12.74
C GLN A 184 -32.23 3.87 14.00
N GLY A 193 -23.05 0.94 26.08
CA GLY A 193 -22.12 0.38 25.12
C GLY A 193 -21.14 -0.59 25.75
N THR A 194 -21.58 -1.84 25.92
CA THR A 194 -20.76 -2.91 26.48
C THR A 194 -20.23 -2.56 27.86
N VAL A 195 -21.09 -2.72 28.86
CA VAL A 195 -20.77 -2.37 30.24
C VAL A 195 -19.66 -3.25 30.81
N GLU A 196 -19.63 -4.52 30.40
CA GLU A 196 -18.69 -5.50 30.94
C GLU A 196 -17.23 -5.02 30.99
N TYR A 197 -16.90 -4.06 30.14
CA TYR A 197 -15.52 -3.60 30.03
C TYR A 197 -15.38 -2.12 30.40
N MET A 198 -16.43 -1.56 30.99
CA MET A 198 -16.43 -0.17 31.42
C MET A 198 -15.71 0.02 32.75
N ALA A 199 -14.87 1.04 32.80
CA ALA A 199 -14.26 1.47 34.06
C ALA A 199 -15.31 2.14 34.94
N PRO A 200 -15.04 2.25 36.25
CA PRO A 200 -16.06 2.85 37.12
C PRO A 200 -16.30 4.34 36.88
N GLU A 201 -15.33 5.03 36.27
CA GLU A 201 -15.54 6.44 35.94
C GLU A 201 -16.48 6.58 34.76
N VAL A 202 -16.48 5.58 33.88
CA VAL A 202 -17.33 5.58 32.71
C VAL A 202 -18.75 5.20 33.07
N VAL A 203 -18.90 4.30 34.05
CA VAL A 203 -20.22 3.94 34.54
C VAL A 203 -20.81 5.11 35.32
N ASN A 204 -19.99 5.73 36.17
CA ASN A 204 -20.36 6.96 36.85
C ASN A 204 -20.43 8.11 35.85
N ARG A 205 -19.85 7.86 34.68
CA ARG A 205 -19.94 8.77 33.53
C ARG A 205 -19.10 10.03 33.68
N ARG A 206 -17.85 9.84 34.10
CA ARG A 206 -16.95 10.97 34.24
C ARG A 206 -16.01 11.12 33.05
N GLY A 207 -16.32 10.44 31.96
CA GLY A 207 -15.54 10.58 30.73
C GLY A 207 -14.53 9.49 30.51
N HIS A 208 -14.42 9.08 29.25
CA HIS A 208 -13.37 8.16 28.84
C HIS A 208 -12.00 8.83 28.94
N SER A 209 -11.05 8.12 29.54
CA SER A 209 -9.67 8.55 29.59
C SER A 209 -8.83 7.37 29.11
N GLN A 210 -7.52 7.57 28.97
CA GLN A 210 -6.70 6.46 28.52
C GLN A 210 -6.60 5.42 29.65
N SER A 211 -6.75 5.90 30.88
CA SER A 211 -6.76 5.03 32.04
C SER A 211 -7.93 4.06 31.99
N ALA A 212 -9.06 4.52 31.46
CA ALA A 212 -10.23 3.67 31.28
C ALA A 212 -9.91 2.53 30.31
N ASP A 213 -9.19 2.88 29.24
CA ASP A 213 -8.68 1.90 28.29
C ASP A 213 -7.88 0.85 29.02
N TRP A 214 -7.04 1.27 29.96
CA TRP A 214 -6.25 0.30 30.69
C TRP A 214 -7.08 -0.57 31.63
N TRP A 215 -8.16 0.00 32.18
CA TRP A 215 -9.11 -0.81 32.96
C TRP A 215 -9.70 -1.93 32.10
N SER A 216 -10.22 -1.55 30.93
CA SER A 216 -10.77 -2.52 29.98
C SER A 216 -9.73 -3.57 29.59
N TYR A 217 -8.49 -3.11 29.39
CA TYR A 217 -7.34 -3.96 29.16
C TYR A 217 -7.22 -5.02 30.26
N GLY A 218 -7.43 -4.59 31.49
CA GLY A 218 -7.41 -5.49 32.63
C GLY A 218 -8.54 -6.49 32.64
N VAL A 219 -9.71 -6.08 32.15
CA VAL A 219 -10.85 -6.99 32.10
C VAL A 219 -10.64 -8.02 31.02
N LEU A 220 -9.96 -7.63 29.94
CA LEU A 220 -9.67 -8.52 28.84
C LEU A 220 -8.63 -9.53 29.27
N MET A 221 -7.71 -9.09 30.11
CA MET A 221 -6.66 -9.95 30.62
C MET A 221 -7.23 -10.94 31.62
N PHE A 222 -8.23 -10.50 32.37
CA PHE A 222 -8.88 -11.34 33.37
C PHE A 222 -9.73 -12.41 32.70
N GLU A 223 -10.44 -12.04 31.64
CA GLU A 223 -11.28 -12.99 30.92
C GLU A 223 -10.44 -14.00 30.15
N MET A 224 -9.41 -13.52 29.47
CA MET A 224 -8.51 -14.40 28.72
C MET A 224 -7.75 -15.35 29.64
N LEU A 225 -7.62 -14.98 30.91
CA LEU A 225 -6.86 -15.80 31.85
C LEU A 225 -7.71 -16.75 32.68
N THR A 226 -9.00 -16.45 32.85
CA THR A 226 -9.84 -17.29 33.68
C THR A 226 -11.01 -17.91 32.92
N GLY A 227 -11.34 -17.32 31.78
CA GLY A 227 -12.48 -17.78 30.99
C GLY A 227 -13.78 -17.23 31.54
N THR A 228 -13.65 -16.30 32.49
CA THR A 228 -14.81 -15.68 33.10
C THR A 228 -14.68 -14.16 33.11
N LEU A 229 -15.80 -13.48 33.14
CA LEU A 229 -15.83 -12.04 33.32
C LEU A 229 -15.75 -11.71 34.79
N PRO A 230 -15.03 -10.64 35.14
CA PRO A 230 -14.96 -10.23 36.54
C PRO A 230 -16.32 -9.77 37.08
N PHE A 231 -16.99 -8.89 36.34
CA PHE A 231 -18.31 -8.40 36.76
C PHE A 231 -19.37 -8.64 35.70
N GLN A 232 -20.49 -9.25 36.11
CA GLN A 232 -21.59 -9.52 35.19
C GLN A 232 -22.87 -9.88 35.95
N GLY A 233 -23.94 -9.10 35.75
CA GLY A 233 -25.20 -9.37 36.41
C GLY A 233 -26.29 -9.85 35.48
N LYS A 234 -27.51 -9.90 35.99
CA LYS A 234 -28.67 -10.36 35.21
C LYS A 234 -29.02 -9.32 34.15
N ASP A 235 -28.83 -8.05 34.51
CA ASP A 235 -29.12 -6.95 33.60
C ASP A 235 -27.89 -6.07 33.48
N ARG A 236 -28.01 -4.99 32.74
CA ARG A 236 -26.88 -4.09 32.56
C ARG A 236 -26.71 -3.20 33.79
N ASN A 237 -27.79 -3.01 34.53
CA ASN A 237 -27.75 -2.20 35.75
C ASN A 237 -26.98 -2.93 36.83
N GLU A 238 -27.25 -4.23 36.98
CA GLU A 238 -26.56 -5.04 37.97
C GLU A 238 -25.07 -5.12 37.68
N THR A 239 -24.72 -5.23 36.40
CA THR A 239 -23.32 -5.30 35.99
C THR A 239 -22.62 -4.00 36.36
N MET A 240 -23.35 -2.90 36.26
CA MET A 240 -22.80 -1.60 36.63
C MET A 240 -22.58 -1.46 38.14
N ASN A 241 -23.56 -1.87 38.94
CA ASN A 241 -23.41 -1.86 40.39
C ASN A 241 -22.30 -2.80 40.85
N MET A 242 -22.08 -3.86 40.08
CA MET A 242 -21.01 -4.80 40.36
C MET A 242 -19.66 -4.17 40.07
N ILE A 243 -19.54 -3.54 38.90
CA ILE A 243 -18.31 -2.84 38.54
C ILE A 243 -17.97 -1.77 39.56
N LEU A 244 -18.98 -1.05 40.02
CA LEU A 244 -18.77 -0.01 41.00
C LEU A 244 -18.44 -0.55 42.39
N LYS A 245 -19.05 -1.67 42.78
CA LYS A 245 -19.09 -2.06 44.19
C LYS A 245 -18.71 -3.49 44.56
N ALA A 246 -18.91 -4.44 43.64
CA ALA A 246 -18.81 -5.86 44.00
C ALA A 246 -17.40 -6.28 44.41
N LYS A 247 -17.34 -7.36 45.16
CA LYS A 247 -16.07 -7.97 45.52
C LYS A 247 -15.56 -8.77 44.33
N LEU A 248 -14.25 -8.86 44.20
CA LEU A 248 -13.66 -9.66 43.13
C LEU A 248 -12.48 -10.48 43.66
N GLY A 249 -12.71 -11.76 43.84
CA GLY A 249 -11.66 -12.66 44.30
C GLY A 249 -10.55 -12.76 43.26
N MET A 250 -9.32 -12.89 43.74
CA MET A 250 -8.17 -13.10 42.86
C MET A 250 -7.95 -14.58 42.63
N PRO A 251 -8.04 -15.01 41.35
CA PRO A 251 -7.80 -16.40 40.97
C PRO A 251 -6.39 -16.83 41.34
N GLN A 252 -6.28 -17.78 42.26
CA GLN A 252 -4.99 -18.16 42.83
C GLN A 252 -4.07 -18.85 41.83
N PHE A 253 -4.64 -19.50 40.82
CA PHE A 253 -3.83 -20.28 39.87
C PHE A 253 -2.99 -19.40 38.96
N LEU A 254 -3.06 -18.09 39.16
CA LEU A 254 -2.31 -17.15 38.34
C LEU A 254 -0.92 -16.88 38.90
N SER A 255 0.03 -16.60 38.01
CA SER A 255 1.39 -16.32 38.41
C SER A 255 1.44 -15.04 39.24
N ALA A 256 2.52 -14.87 40.00
CA ALA A 256 2.69 -13.70 40.86
C ALA A 256 2.66 -12.42 40.04
N GLU A 257 3.23 -12.48 38.82
CA GLU A 257 3.36 -11.31 37.96
C GLU A 257 2.05 -10.99 37.25
N ALA A 258 1.25 -12.02 36.99
CA ALA A 258 -0.06 -11.84 36.40
C ALA A 258 -1.02 -11.26 37.41
N GLN A 259 -0.99 -11.79 38.63
CA GLN A 259 -1.80 -11.26 39.72
C GLN A 259 -1.39 -9.82 40.05
N SER A 260 -0.08 -9.58 39.99
CA SER A 260 0.47 -8.26 40.22
C SER A 260 -0.08 -7.27 39.19
N LEU A 261 0.11 -7.60 37.91
CA LEU A 261 -0.37 -6.73 36.84
C LEU A 261 -1.87 -6.50 36.93
N LEU A 262 -2.61 -7.57 37.19
CA LEU A 262 -4.07 -7.49 37.32
C LEU A 262 -4.48 -6.52 38.42
N ARG A 263 -3.95 -6.70 39.62
CA ARG A 263 -4.33 -5.83 40.74
C ARG A 263 -3.85 -4.40 40.49
N MET A 264 -2.81 -4.23 39.68
CA MET A 264 -2.37 -2.89 39.31
C MET A 264 -3.30 -2.24 38.27
N LEU A 265 -4.01 -3.08 37.52
CA LEU A 265 -4.93 -2.58 36.49
C LEU A 265 -6.33 -2.34 37.03
N PHE A 266 -6.69 -3.07 38.08
CA PHE A 266 -8.05 -2.98 38.61
C PHE A 266 -8.16 -1.95 39.73
N LYS A 267 -7.72 -0.74 39.42
CA LYS A 267 -7.92 0.40 40.30
C LYS A 267 -9.17 1.15 39.85
N ARG A 268 -10.21 1.14 40.69
CA ARG A 268 -11.47 1.78 40.36
C ARG A 268 -11.30 3.29 40.12
N ASN A 269 -10.22 3.84 40.65
CA ASN A 269 -9.96 5.27 40.47
C ASN A 269 -8.83 5.50 39.48
N PRO A 270 -9.11 6.28 38.43
CA PRO A 270 -8.10 6.61 37.42
C PRO A 270 -7.14 7.66 37.97
N ALA A 271 -5.92 7.68 37.42
CA ALA A 271 -4.65 8.16 38.04
C ALA A 271 -4.04 7.37 39.22
N ASN A 272 -4.74 6.34 39.68
CA ASN A 272 -4.27 5.46 40.73
C ASN A 272 -4.06 4.17 39.98
N ARG A 273 -4.70 4.10 38.82
CA ARG A 273 -4.60 2.94 37.94
C ARG A 273 -3.29 2.93 37.15
N LEU A 274 -2.75 1.73 36.93
CA LEU A 274 -1.55 1.61 36.11
C LEU A 274 -1.84 2.01 34.66
N GLY A 275 -0.90 2.72 34.05
CA GLY A 275 -1.04 3.13 32.67
C GLY A 275 -1.47 4.57 32.51
N SER A 276 -1.94 5.15 33.61
CA SER A 276 -2.39 6.54 33.62
C SER A 276 -1.22 7.53 33.56
N GLU A 277 -0.01 6.99 33.69
CA GLU A 277 1.20 7.81 33.63
C GLU A 277 2.09 7.34 32.49
N GLY A 278 1.46 6.80 31.44
CA GLY A 278 2.19 6.31 30.28
C GLY A 278 2.04 4.81 30.12
N VAL A 279 2.67 4.25 29.08
CA VAL A 279 2.67 2.81 28.89
C VAL A 279 3.95 2.21 29.46
N GLU A 280 4.90 3.09 29.78
CA GLU A 280 6.23 2.65 30.17
C GLU A 280 6.22 1.82 31.45
N GLU A 281 5.33 2.15 32.37
CA GLU A 281 5.24 1.36 33.60
C GLU A 281 4.56 0.02 33.32
N ILE A 282 3.84 -0.05 32.20
CA ILE A 282 3.21 -1.30 31.80
C ILE A 282 4.19 -2.21 31.08
N LYS A 283 4.95 -1.63 30.16
CA LYS A 283 5.95 -2.38 29.41
C LYS A 283 7.03 -2.96 30.32
N ARG A 284 7.30 -2.27 31.42
CA ARG A 284 8.36 -2.68 32.33
C ARG A 284 7.86 -3.54 33.48
N HIS A 285 6.57 -3.88 33.45
CA HIS A 285 6.00 -4.73 34.48
C HIS A 285 6.64 -6.11 34.42
N LEU A 286 6.78 -6.75 35.58
CA LEU A 286 7.40 -8.06 35.69
C LEU A 286 6.76 -9.09 34.76
N PHE A 287 5.45 -8.94 34.56
CA PHE A 287 4.68 -9.83 33.71
C PHE A 287 5.25 -9.85 32.29
N PHE A 288 5.78 -8.71 31.83
CA PHE A 288 6.32 -8.60 30.48
C PHE A 288 7.85 -8.59 30.42
N ALA A 289 8.49 -9.24 31.39
CA ALA A 289 9.95 -9.19 31.49
C ALA A 289 10.64 -9.85 30.30
N ASN A 290 10.08 -10.94 29.80
CA ASN A 290 10.71 -11.69 28.72
C ASN A 290 10.29 -11.21 27.34
N ILE A 291 9.60 -10.07 27.30
CA ILE A 291 9.09 -9.53 26.05
C ILE A 291 9.97 -8.40 25.50
N ASP A 292 10.57 -8.63 24.33
CA ASP A 292 11.31 -7.59 23.63
C ASP A 292 10.32 -6.77 22.82
N TRP A 293 10.09 -5.54 23.24
CA TRP A 293 9.11 -4.67 22.60
C TRP A 293 9.49 -4.20 21.21
N ASP A 294 10.78 -4.11 20.93
CA ASP A 294 11.21 -3.68 19.60
C ASP A 294 10.95 -4.79 18.59
N LYS A 295 11.16 -6.03 19.02
CA LYS A 295 10.95 -7.19 18.17
C LYS A 295 9.45 -7.39 17.96
N LEU A 296 8.68 -7.07 18.99
CA LEU A 296 7.24 -7.22 18.93
C LEU A 296 6.66 -6.23 17.93
N TYR A 297 7.04 -4.97 18.07
CA TYR A 297 6.57 -3.92 17.17
C TYR A 297 6.89 -4.25 15.72
N LYS A 298 8.09 -4.76 15.50
CA LYS A 298 8.52 -5.10 14.15
C LYS A 298 7.94 -6.43 13.71
N ARG A 299 7.07 -7.00 14.56
CA ARG A 299 6.40 -8.25 14.27
C ARG A 299 7.39 -9.36 13.96
N GLU A 300 8.48 -9.41 14.73
CA GLU A 300 9.48 -10.45 14.62
C GLU A 300 9.30 -11.47 15.74
N VAL A 301 8.20 -11.33 16.48
CA VAL A 301 7.84 -12.25 17.53
C VAL A 301 6.74 -13.18 17.04
N GLN A 302 7.05 -14.47 16.94
CA GLN A 302 6.13 -15.43 16.36
C GLN A 302 4.88 -15.63 17.21
N PRO A 303 3.71 -15.64 16.57
CA PRO A 303 2.44 -15.85 17.26
C PRO A 303 2.32 -17.27 17.81
N PRO A 304 1.70 -17.40 19.00
CA PRO A 304 1.44 -18.69 19.64
C PRO A 304 0.62 -19.61 18.73
N PHE A 305 -0.22 -19.03 17.89
CA PHE A 305 -1.10 -19.81 17.04
C PHE A 305 -1.22 -19.24 15.63
N LYS A 306 -1.16 -20.12 14.65
CA LYS A 306 -1.58 -19.78 13.29
C LYS A 306 -3.08 -19.93 13.21
N PRO A 307 -3.77 -18.95 12.64
CA PRO A 307 -5.21 -19.09 12.40
C PRO A 307 -5.49 -20.02 11.23
N VAL B 9 -2.98 -10.67 -36.81
CA VAL B 9 -1.73 -9.99 -37.16
C VAL B 9 -1.64 -8.67 -36.40
N VAL B 10 -0.61 -7.87 -36.70
CA VAL B 10 -0.41 -6.61 -35.98
C VAL B 10 -1.28 -5.50 -36.58
N LYS B 11 -2.24 -5.05 -35.79
CA LYS B 11 -3.13 -3.97 -36.18
C LYS B 11 -2.64 -2.64 -35.60
N GLU B 12 -2.52 -1.64 -36.46
CA GLU B 12 -2.10 -0.31 -36.03
C GLU B 12 -3.32 0.54 -35.71
N ILE B 13 -3.31 1.13 -34.52
CA ILE B 13 -4.46 1.90 -34.04
C ILE B 13 -4.12 3.39 -33.94
N PRO B 14 -4.66 4.20 -34.85
CA PRO B 14 -4.30 5.62 -34.91
C PRO B 14 -4.82 6.39 -33.69
N ILE B 15 -4.04 7.36 -33.21
CA ILE B 15 -4.43 8.15 -32.06
C ILE B 15 -4.89 9.53 -32.51
N THR B 16 -6.15 9.85 -32.29
CA THR B 16 -6.71 11.13 -32.71
C THR B 16 -7.44 11.81 -31.56
N HIS B 17 -8.46 11.13 -31.03
CA HIS B 17 -9.27 11.66 -29.94
C HIS B 17 -9.38 10.63 -28.82
N HIS B 18 -9.29 11.11 -27.58
CA HIS B 18 -9.44 10.24 -26.42
C HIS B 18 -9.77 11.08 -25.19
N VAL B 19 -10.92 10.80 -24.58
CA VAL B 19 -11.37 11.55 -23.42
C VAL B 19 -11.74 10.59 -22.29
N LYS B 20 -11.37 10.96 -21.07
CA LYS B 20 -11.69 10.16 -19.89
C LYS B 20 -13.18 9.94 -19.72
N GLU B 21 -13.53 9.02 -18.83
CA GLU B 21 -14.94 8.73 -18.54
C GLU B 21 -15.45 9.81 -17.59
N GLY B 22 -16.58 10.41 -17.95
CA GLY B 22 -17.18 11.47 -17.16
C GLY B 22 -16.60 12.83 -17.48
N TYR B 23 -15.89 12.94 -18.60
CA TYR B 23 -15.32 14.20 -19.02
C TYR B 23 -15.67 14.53 -20.46
N GLU B 24 -15.56 15.81 -20.81
CA GLU B 24 -15.86 16.27 -22.16
C GLU B 24 -14.58 16.41 -22.97
N LYS B 25 -14.72 16.49 -24.29
CA LYS B 25 -13.59 16.68 -25.19
C LYS B 25 -12.77 17.89 -24.77
N ALA B 26 -11.45 17.75 -24.80
CA ALA B 26 -10.57 18.85 -24.46
C ALA B 26 -10.01 19.48 -25.71
N ASP B 27 -9.52 20.71 -25.57
CA ASP B 27 -8.92 21.43 -26.69
C ASP B 27 -7.86 22.36 -26.12
N PRO B 28 -6.87 22.75 -26.95
CA PRO B 28 -5.73 23.55 -26.48
C PRO B 28 -6.11 24.79 -25.65
N ALA B 29 -7.33 25.27 -25.79
CA ALA B 29 -7.75 26.49 -25.09
C ALA B 29 -8.24 26.21 -23.66
N GLN B 30 -8.18 24.95 -23.23
CA GLN B 30 -8.59 24.60 -21.89
C GLN B 30 -7.40 24.34 -21.00
N PHE B 31 -6.22 24.76 -21.46
CA PHE B 31 -5.00 24.51 -20.73
C PHE B 31 -4.12 25.74 -20.61
N GLU B 32 -3.39 25.80 -19.50
CA GLU B 32 -2.50 26.89 -19.19
C GLU B 32 -1.08 26.36 -19.24
N LEU B 33 -0.34 26.73 -20.29
CA LEU B 33 1.05 26.32 -20.41
C LEU B 33 1.84 27.01 -19.30
N LEU B 34 2.52 26.19 -18.50
CA LEU B 34 3.24 26.69 -17.34
C LEU B 34 4.74 26.62 -17.54
N LYS B 35 5.25 25.41 -17.68
CA LYS B 35 6.69 25.19 -17.76
C LYS B 35 7.01 24.20 -18.87
N VAL B 36 8.29 24.09 -19.19
CA VAL B 36 8.77 22.97 -19.98
C VAL B 36 9.19 21.89 -18.99
N LEU B 37 8.59 20.71 -19.13
CA LEU B 37 8.90 19.59 -18.25
C LEU B 37 10.20 18.91 -18.67
N GLY B 38 10.34 18.63 -19.97
CA GLY B 38 11.53 17.98 -20.48
C GLY B 38 11.64 18.11 -21.99
N GLN B 39 12.49 17.27 -22.58
CA GLN B 39 12.70 17.29 -24.03
C GLN B 39 13.20 15.94 -24.53
N GLY B 40 12.30 15.16 -25.12
CA GLY B 40 12.65 13.85 -25.64
C GLY B 40 13.06 13.89 -27.10
N SER B 41 13.03 12.73 -27.75
CA SER B 41 13.41 12.63 -29.15
C SER B 41 12.30 13.22 -30.03
N PHE B 42 11.07 13.11 -29.54
CA PHE B 42 9.92 13.63 -30.27
C PHE B 42 9.54 15.02 -29.76
N GLY B 43 10.52 15.72 -29.22
CA GLY B 43 10.33 17.10 -28.82
C GLY B 43 10.00 17.27 -27.35
N LYS B 44 9.65 18.49 -26.99
CA LYS B 44 9.47 18.86 -25.60
C LYS B 44 8.16 18.35 -25.01
N VAL B 45 8.20 18.13 -23.70
CA VAL B 45 7.01 17.79 -22.94
C VAL B 45 6.76 18.93 -21.97
N PHE B 46 5.52 19.39 -21.93
CA PHE B 46 5.21 20.61 -21.17
C PHE B 46 4.40 20.35 -19.91
N LEU B 47 4.46 21.29 -18.98
CA LEU B 47 3.56 21.29 -17.84
C LEU B 47 2.37 22.18 -18.18
N VAL B 48 1.17 21.63 -18.08
CA VAL B 48 -0.02 22.41 -18.39
C VAL B 48 -1.03 22.35 -17.26
N ARG B 49 -2.01 23.24 -17.31
CA ARG B 49 -3.03 23.29 -16.27
C ARG B 49 -4.43 23.41 -16.86
N LYS B 50 -5.33 22.52 -16.44
CA LYS B 50 -6.70 22.54 -16.92
C LYS B 50 -7.36 23.85 -16.48
N LYS B 51 -8.01 24.52 -17.42
CA LYS B 51 -8.67 25.79 -17.13
C LYS B 51 -10.11 25.64 -16.67
N THR B 52 -10.80 24.64 -17.18
CA THR B 52 -12.20 24.42 -16.82
C THR B 52 -12.55 22.94 -16.77
N GLY B 53 -13.64 22.62 -16.06
CA GLY B 53 -14.09 21.24 -15.95
C GLY B 53 -14.00 20.71 -14.53
N PRO B 54 -14.37 19.43 -14.35
CA PRO B 54 -14.33 18.76 -13.05
C PRO B 54 -12.91 18.69 -12.50
N ASP B 55 -11.93 18.59 -13.40
CA ASP B 55 -10.53 18.52 -13.01
C ASP B 55 -9.82 19.84 -13.30
N ALA B 56 -10.52 20.95 -13.12
CA ALA B 56 -9.93 22.26 -13.36
C ALA B 56 -8.85 22.52 -12.31
N GLY B 57 -7.75 23.13 -12.72
CA GLY B 57 -6.67 23.39 -11.80
C GLY B 57 -5.70 22.23 -11.72
N GLN B 58 -6.11 21.10 -12.26
CA GLN B 58 -5.25 19.91 -12.34
C GLN B 58 -4.07 20.16 -13.26
N LEU B 59 -2.88 19.86 -12.76
CA LEU B 59 -1.69 19.90 -13.59
C LEU B 59 -1.59 18.61 -14.39
N TYR B 60 -1.19 18.74 -15.65
CA TYR B 60 -0.92 17.58 -16.48
C TYR B 60 0.41 17.76 -17.19
N ALA B 61 0.93 16.66 -17.72
CA ALA B 61 2.01 16.75 -18.69
C ALA B 61 1.36 16.76 -20.06
N MET B 62 1.96 17.45 -21.02
CA MET B 62 1.42 17.46 -22.36
C MET B 62 2.48 17.12 -23.39
N LYS B 63 2.12 16.21 -24.29
CA LYS B 63 2.94 15.87 -25.44
C LYS B 63 2.29 16.38 -26.71
N VAL B 64 3.09 17.05 -27.52
CA VAL B 64 2.63 17.65 -28.77
C VAL B 64 3.32 17.01 -29.96
N LEU B 65 2.57 16.21 -30.71
CA LEU B 65 3.12 15.45 -31.82
C LEU B 65 2.50 15.84 -33.15
N LYS B 66 3.03 15.27 -34.24
CA LYS B 66 2.45 15.45 -35.55
C LYS B 66 1.38 14.38 -35.75
N LYS B 67 1.75 13.13 -35.53
CA LYS B 67 0.78 12.03 -35.50
C LYS B 67 1.32 10.89 -34.64
N ALA B 68 0.41 10.14 -34.05
CA ALA B 68 0.78 8.98 -33.25
C ALA B 68 -0.13 7.78 -33.52
N SER B 69 0.43 6.59 -33.34
CA SER B 69 -0.28 5.34 -33.59
C SER B 69 0.20 4.27 -32.63
N LEU B 70 -0.69 3.38 -32.20
CA LEU B 70 -0.33 2.31 -31.27
C LEU B 70 -0.42 0.95 -31.94
N LYS B 71 0.71 0.25 -32.03
CA LYS B 71 0.77 -1.03 -32.74
C LYS B 71 0.48 -2.21 -31.82
N VAL B 72 -0.54 -2.99 -32.17
CA VAL B 72 -1.04 -4.04 -31.29
C VAL B 72 -1.24 -5.39 -31.97
N ARG B 73 -0.59 -6.43 -31.44
CA ARG B 73 -0.82 -7.79 -31.92
C ARG B 73 -1.99 -8.43 -31.16
N ASP B 74 -2.90 -9.05 -31.88
CA ASP B 74 -4.09 -9.64 -31.27
C ASP B 74 -3.87 -11.12 -30.97
N ASP B 83 -10.79 1.77 -25.46
CA ASP B 83 -10.54 0.75 -24.46
C ASP B 83 -9.04 0.47 -24.30
N ILE B 84 -8.34 0.34 -25.43
CA ILE B 84 -6.93 -0.01 -25.40
C ILE B 84 -6.09 1.04 -24.68
N LEU B 85 -6.54 2.28 -24.70
CA LEU B 85 -5.83 3.34 -23.99
C LEU B 85 -6.25 3.35 -22.53
N VAL B 86 -7.26 2.55 -22.21
CA VAL B 86 -7.70 2.35 -20.84
C VAL B 86 -7.14 1.03 -20.33
N GLU B 87 -6.95 0.08 -21.25
CA GLU B 87 -6.35 -1.20 -20.91
C GLU B 87 -4.87 -1.06 -20.61
N VAL B 88 -4.23 -0.03 -21.17
CA VAL B 88 -2.82 0.21 -20.91
C VAL B 88 -2.63 0.89 -19.55
N ASN B 89 -3.72 1.29 -18.92
CA ASN B 89 -3.67 1.86 -17.58
C ASN B 89 -2.99 0.90 -16.61
N HIS B 90 -1.88 1.36 -16.04
CA HIS B 90 -1.09 0.54 -15.14
C HIS B 90 -0.58 1.38 -13.98
N PRO B 91 -0.34 0.73 -12.81
CA PRO B 91 0.25 1.43 -11.66
C PRO B 91 1.63 2.02 -11.94
N PHE B 92 2.35 1.48 -12.91
CA PHE B 92 3.69 1.92 -13.20
C PHE B 92 3.82 2.43 -14.64
N ILE B 93 2.69 2.80 -15.22
CA ILE B 93 2.67 3.43 -16.53
C ILE B 93 1.85 4.71 -16.46
N VAL B 94 2.31 5.75 -17.14
CA VAL B 94 1.64 7.05 -17.16
C VAL B 94 0.24 6.92 -17.78
N LYS B 95 -0.71 7.68 -17.23
CA LYS B 95 -2.08 7.63 -17.72
C LYS B 95 -2.39 8.76 -18.70
N LEU B 96 -2.96 8.39 -19.84
CA LEU B 96 -3.42 9.38 -20.81
C LEU B 96 -4.82 9.85 -20.47
N HIS B 97 -4.97 11.13 -20.20
CA HIS B 97 -6.26 11.68 -19.81
C HIS B 97 -6.98 12.27 -20.99
N TYR B 98 -6.29 13.08 -21.79
CA TYR B 98 -6.95 13.64 -22.95
C TYR B 98 -6.13 13.45 -24.21
N ALA B 99 -6.79 13.31 -25.35
CA ALA B 99 -6.06 13.25 -26.60
C ALA B 99 -6.87 13.94 -27.67
N PHE B 100 -6.26 14.88 -28.37
CA PHE B 100 -6.98 15.60 -29.41
C PHE B 100 -6.07 16.15 -30.49
N GLN B 101 -6.67 16.62 -31.59
CA GLN B 101 -5.93 17.18 -32.70
C GLN B 101 -6.43 18.56 -33.07
N THR B 102 -5.52 19.44 -33.48
CA THR B 102 -5.89 20.80 -33.87
C THR B 102 -5.31 21.02 -35.26
N GLU B 103 -4.72 22.19 -35.48
CA GLU B 103 -4.13 22.52 -36.77
C GLU B 103 -2.89 21.73 -37.16
N GLY B 104 -3.08 20.44 -37.46
CA GLY B 104 -1.98 19.59 -37.83
C GLY B 104 -1.21 18.98 -36.68
N LYS B 105 -1.67 19.24 -35.46
CA LYS B 105 -0.99 18.69 -34.28
C LYS B 105 -1.90 17.83 -33.39
N LEU B 106 -1.28 16.87 -32.71
CA LEU B 106 -1.96 15.98 -31.77
C LEU B 106 -1.43 16.17 -30.35
N TYR B 107 -2.33 16.14 -29.38
CA TYR B 107 -1.98 16.40 -28.00
C TYR B 107 -2.37 15.24 -27.11
N LEU B 108 -1.42 14.87 -26.27
CA LEU B 108 -1.64 13.86 -25.26
C LEU B 108 -1.48 14.49 -23.88
N ILE B 109 -2.60 14.59 -23.18
CA ILE B 109 -2.67 15.11 -21.82
C ILE B 109 -2.56 13.95 -20.86
N LEU B 110 -1.42 13.89 -20.18
CA LEU B 110 -0.99 12.75 -19.39
C LEU B 110 -0.74 13.09 -17.92
N ASP B 111 -0.49 12.05 -17.13
CA ASP B 111 -0.20 12.20 -15.71
C ASP B 111 1.07 13.02 -15.56
N PHE B 112 1.11 13.87 -14.54
CA PHE B 112 2.27 14.70 -14.29
C PHE B 112 3.17 14.06 -13.23
N LEU B 113 4.30 13.53 -13.67
CA LEU B 113 5.26 12.90 -12.76
C LEU B 113 6.20 13.96 -12.23
N ARG B 114 6.19 14.14 -10.91
CA ARG B 114 7.00 15.17 -10.28
C ARG B 114 8.28 14.73 -9.60
N GLY B 115 8.54 13.42 -9.55
CA GLY B 115 9.73 12.91 -8.90
C GLY B 115 11.00 12.91 -9.73
N GLY B 116 10.88 13.14 -11.03
CA GLY B 116 12.01 13.14 -11.93
C GLY B 116 12.45 11.73 -12.23
N ASP B 117 13.52 11.57 -13.00
CA ASP B 117 13.93 10.25 -13.47
C ASP B 117 14.73 9.49 -12.41
N VAL B 118 14.79 8.17 -12.58
CA VAL B 118 15.39 7.29 -11.58
C VAL B 118 16.89 7.50 -11.46
N PHE B 119 17.60 7.46 -12.58
CA PHE B 119 19.06 7.57 -12.60
C PHE B 119 19.56 8.82 -11.89
N THR B 120 18.81 9.92 -12.05
CA THR B 120 19.11 11.15 -11.32
C THR B 120 19.00 10.90 -9.82
N ARG B 121 17.91 10.27 -9.40
CA ARG B 121 17.67 10.00 -7.98
C ARG B 121 18.76 9.10 -7.39
N LEU B 122 19.21 8.13 -8.17
CA LEU B 122 20.31 7.27 -7.76
C LEU B 122 21.61 8.07 -7.66
N SER B 123 21.74 9.07 -8.53
CA SER B 123 22.95 9.90 -8.54
C SER B 123 23.02 10.81 -7.32
N LYS B 124 21.90 10.98 -6.64
CA LYS B 124 21.86 11.82 -5.44
C LYS B 124 22.12 10.99 -4.18
N GLU B 125 22.60 9.76 -4.40
CA GLU B 125 23.07 8.91 -3.33
C GLU B 125 24.58 8.74 -3.44
N VAL B 126 25.24 8.49 -2.31
CA VAL B 126 26.65 8.13 -2.36
C VAL B 126 26.74 6.68 -2.81
N LEU B 127 25.76 5.88 -2.40
CA LEU B 127 25.70 4.48 -2.77
C LEU B 127 24.28 3.91 -2.66
N PHE B 128 24.09 2.75 -3.28
CA PHE B 128 22.85 1.98 -3.16
C PHE B 128 23.21 0.51 -3.26
N THR B 129 22.29 -0.37 -2.88
CA THR B 129 22.54 -1.81 -2.92
C THR B 129 21.87 -2.45 -4.13
N GLU B 130 21.86 -3.78 -4.17
CA GLU B 130 21.13 -4.49 -5.22
C GLU B 130 19.65 -4.52 -4.93
N GLU B 131 19.28 -4.30 -3.67
CA GLU B 131 17.88 -4.32 -3.28
C GLU B 131 17.10 -3.15 -3.86
N ASP B 132 17.74 -1.98 -3.91
CA ASP B 132 17.15 -0.78 -4.46
C ASP B 132 16.88 -0.96 -5.97
N VAL B 133 17.95 -1.27 -6.68
CA VAL B 133 17.91 -1.53 -8.11
C VAL B 133 16.91 -2.64 -8.41
N LYS B 134 16.79 -3.60 -7.50
CA LYS B 134 15.83 -4.70 -7.64
C LYS B 134 14.40 -4.21 -7.53
N PHE B 135 14.16 -3.29 -6.61
CA PHE B 135 12.85 -2.65 -6.48
C PHE B 135 12.45 -2.06 -7.84
N TYR B 136 13.35 -1.22 -8.36
CA TYR B 136 13.05 -0.54 -9.62
C TYR B 136 12.85 -1.52 -10.78
N LEU B 137 13.74 -2.50 -10.91
CA LEU B 137 13.63 -3.48 -11.99
C LEU B 137 12.39 -4.36 -11.87
N ALA B 138 11.92 -4.55 -10.65
CA ALA B 138 10.71 -5.32 -10.42
C ALA B 138 9.48 -4.57 -10.92
N GLU B 139 9.34 -3.32 -10.47
CA GLU B 139 8.21 -2.51 -10.95
C GLU B 139 8.21 -2.36 -12.47
N LEU B 140 9.40 -2.09 -13.01
CA LEU B 140 9.59 -2.00 -14.45
C LEU B 140 9.19 -3.30 -15.17
N ALA B 141 9.52 -4.43 -14.55
CA ALA B 141 9.17 -5.73 -15.11
C ALA B 141 7.65 -5.90 -15.20
N LEU B 142 6.96 -5.52 -14.13
CA LEU B 142 5.49 -5.55 -14.14
C LEU B 142 4.91 -4.68 -15.26
N ALA B 143 5.45 -3.47 -15.42
CA ALA B 143 4.97 -2.57 -16.47
C ALA B 143 5.14 -3.18 -17.86
N LEU B 144 6.39 -3.51 -18.19
CA LEU B 144 6.70 -4.09 -19.50
C LEU B 144 5.86 -5.33 -19.80
N ASP B 145 5.64 -6.16 -18.79
CA ASP B 145 4.83 -7.35 -18.98
C ASP B 145 3.40 -6.94 -19.28
N HIS B 146 2.91 -5.92 -18.57
CA HIS B 146 1.55 -5.45 -18.80
C HIS B 146 1.35 -5.04 -20.25
N LEU B 147 2.33 -4.33 -20.80
CA LEU B 147 2.23 -3.94 -22.21
C LEU B 147 2.29 -5.18 -23.11
N HIS B 148 3.16 -6.12 -22.77
CA HIS B 148 3.34 -7.32 -23.59
C HIS B 148 2.08 -8.19 -23.65
N GLN B 149 1.32 -8.20 -22.58
CA GLN B 149 0.09 -8.99 -22.52
C GLN B 149 -0.99 -8.45 -23.45
N LEU B 150 -0.87 -7.18 -23.83
CA LEU B 150 -1.84 -6.55 -24.72
C LEU B 150 -1.39 -6.61 -26.18
N GLY B 151 -0.20 -7.14 -26.42
CA GLY B 151 0.34 -7.26 -27.75
C GLY B 151 1.28 -6.10 -28.09
N ILE B 152 1.42 -5.20 -27.14
CA ILE B 152 2.25 -4.01 -27.31
C ILE B 152 3.71 -4.21 -26.93
N VAL B 153 4.59 -3.54 -27.67
CA VAL B 153 6.02 -3.60 -27.43
C VAL B 153 6.49 -2.17 -27.15
N TYR B 154 7.25 -1.98 -26.08
CA TYR B 154 7.75 -0.66 -25.72
C TYR B 154 8.83 -0.15 -26.67
N ARG B 155 9.54 -1.09 -27.29
CA ARG B 155 10.62 -0.79 -28.24
C ARG B 155 11.72 0.13 -27.71
N ASP B 156 11.46 1.43 -27.70
CA ASP B 156 12.45 2.39 -27.24
C ASP B 156 12.48 2.59 -25.74
N LEU B 157 12.97 1.60 -25.00
CA LEU B 157 13.07 1.69 -23.56
C LEU B 157 14.40 2.29 -23.15
N LYS B 158 14.35 3.30 -22.28
CA LYS B 158 15.55 3.97 -21.82
C LYS B 158 15.32 4.55 -20.42
N PRO B 159 16.40 5.04 -19.79
CA PRO B 159 16.34 5.62 -18.45
C PRO B 159 15.47 6.88 -18.40
N GLU B 160 15.44 7.63 -19.50
CA GLU B 160 14.65 8.85 -19.57
C GLU B 160 13.15 8.58 -19.61
N ASN B 161 12.77 7.32 -19.86
CA ASN B 161 11.36 6.96 -19.89
C ASN B 161 10.94 6.42 -18.54
N ILE B 162 11.91 6.32 -17.64
CA ILE B 162 11.65 5.77 -16.32
C ILE B 162 11.71 6.87 -15.26
N LEU B 163 10.55 7.38 -14.92
CA LEU B 163 10.48 8.46 -13.95
C LEU B 163 9.92 7.99 -12.63
N LEU B 164 9.95 8.90 -11.66
CA LEU B 164 9.44 8.59 -10.34
C LEU B 164 8.29 9.52 -10.01
N ASP B 165 7.35 9.03 -9.22
CA ASP B 165 6.24 9.86 -8.76
C ASP B 165 6.65 10.51 -7.43
N GLU B 166 5.74 11.23 -6.79
CA GLU B 166 6.10 11.85 -5.53
C GLU B 166 6.43 10.83 -4.44
N ILE B 167 5.69 9.72 -4.43
CA ILE B 167 5.90 8.67 -3.45
C ILE B 167 7.24 7.97 -3.66
N GLY B 168 7.66 7.85 -4.91
CA GLY B 168 8.92 7.21 -5.22
C GLY B 168 8.77 6.02 -6.15
N HIS B 169 7.52 5.71 -6.52
CA HIS B 169 7.26 4.59 -7.40
C HIS B 169 7.62 4.91 -8.85
N ILE B 170 7.70 3.86 -9.67
CA ILE B 170 8.07 4.01 -11.08
C ILE B 170 6.88 4.41 -11.94
N LYS B 171 7.14 5.26 -12.93
CA LYS B 171 6.18 5.50 -14.00
C LYS B 171 6.93 5.56 -15.33
N LEU B 172 6.53 4.72 -16.28
CA LEU B 172 7.05 4.83 -17.63
C LEU B 172 6.30 5.95 -18.34
N THR B 173 7.03 6.78 -19.08
CA THR B 173 6.46 7.98 -19.64
C THR B 173 5.65 7.71 -20.92
N ASP B 174 5.75 6.50 -21.45
CA ASP B 174 4.99 6.13 -22.65
C ASP B 174 4.45 4.71 -22.52
N PHE B 175 3.74 4.25 -23.55
CA PHE B 175 3.27 2.86 -23.58
C PHE B 175 3.25 2.27 -24.99
N GLY B 176 4.39 2.32 -25.67
CA GLY B 176 4.56 1.65 -26.93
C GLY B 176 4.06 2.41 -28.16
N LEU B 177 3.86 3.71 -27.99
CA LEU B 177 3.43 4.55 -29.11
C LEU B 177 4.49 4.68 -30.19
N SER B 178 4.07 4.46 -31.43
CA SER B 178 4.80 4.95 -32.58
C SER B 178 4.43 6.43 -32.74
N LYS B 179 5.42 7.31 -32.70
CA LYS B 179 5.15 8.74 -32.75
C LYS B 179 5.79 9.39 -33.97
N GLU B 180 5.40 10.63 -34.23
CA GLU B 180 6.09 11.43 -35.24
C GLU B 180 6.21 12.89 -34.80
N SER B 181 7.45 13.36 -34.70
CA SER B 181 7.73 14.72 -34.25
C SER B 181 7.17 15.78 -35.19
N VAL B 182 7.02 17.00 -34.67
CA VAL B 182 6.52 18.13 -35.43
C VAL B 182 7.66 18.88 -36.11
N GLY B 193 15.46 4.32 -32.40
CA GLY B 193 15.57 4.71 -31.00
C GLY B 193 16.99 4.65 -30.48
N THR B 194 17.15 4.65 -29.16
CA THR B 194 18.46 4.60 -28.54
C THR B 194 19.22 3.34 -28.95
N VAL B 195 20.35 3.51 -29.60
CA VAL B 195 21.17 2.39 -30.05
C VAL B 195 21.75 1.56 -28.90
N GLU B 196 22.07 2.21 -27.78
CA GLU B 196 22.74 1.53 -26.67
C GLU B 196 21.89 0.45 -26.00
N TYR B 197 20.57 0.54 -26.16
CA TYR B 197 19.67 -0.38 -25.46
C TYR B 197 19.06 -1.38 -26.42
N MET B 198 19.51 -1.33 -27.66
CA MET B 198 18.97 -2.18 -28.71
C MET B 198 19.41 -3.64 -28.59
N ALA B 199 18.44 -4.54 -28.73
CA ALA B 199 18.72 -5.96 -28.84
C ALA B 199 19.49 -6.22 -30.13
N PRO B 200 20.22 -7.34 -30.21
CA PRO B 200 20.94 -7.63 -31.45
C PRO B 200 20.02 -7.82 -32.66
N GLU B 201 18.79 -8.26 -32.44
CA GLU B 201 17.86 -8.50 -33.54
C GLU B 201 17.34 -7.19 -34.14
N VAL B 202 17.24 -6.15 -33.31
CA VAL B 202 16.76 -4.86 -33.78
C VAL B 202 17.88 -4.12 -34.50
N VAL B 203 19.11 -4.34 -34.05
CA VAL B 203 20.26 -3.74 -34.71
C VAL B 203 20.37 -4.34 -36.11
N ASN B 204 19.85 -5.55 -36.25
CA ASN B 204 19.85 -6.29 -37.51
C ASN B 204 18.54 -6.11 -38.26
N ARG B 205 17.72 -5.16 -37.79
CA ARG B 205 16.42 -4.85 -38.38
C ARG B 205 15.52 -6.07 -38.57
N ARG B 206 15.47 -6.93 -37.56
CA ARG B 206 14.64 -8.13 -37.62
C ARG B 206 13.28 -7.89 -36.99
N GLY B 207 13.05 -6.68 -36.53
CA GLY B 207 11.78 -6.33 -35.92
C GLY B 207 11.76 -6.37 -34.41
N HIS B 208 11.10 -5.39 -33.81
CA HIS B 208 10.98 -5.31 -32.37
C HIS B 208 10.10 -6.42 -31.84
N SER B 209 10.53 -7.04 -30.74
CA SER B 209 9.79 -8.13 -30.13
C SER B 209 9.77 -7.90 -28.62
N GLN B 210 8.89 -8.65 -27.95
CA GLN B 210 8.78 -8.58 -26.52
C GLN B 210 10.10 -8.99 -25.88
N SER B 211 10.87 -9.84 -26.58
CA SER B 211 12.17 -10.31 -26.12
C SER B 211 13.21 -9.20 -26.25
N ALA B 212 12.99 -8.29 -27.19
CA ALA B 212 13.89 -7.15 -27.39
C ALA B 212 13.74 -6.22 -26.19
N ASP B 213 12.51 -6.08 -25.71
CA ASP B 213 12.24 -5.27 -24.55
C ASP B 213 12.98 -5.86 -23.36
N TRP B 214 13.03 -7.19 -23.29
CA TRP B 214 13.72 -7.81 -22.17
C TRP B 214 15.25 -7.66 -22.27
N TRP B 215 15.79 -7.62 -23.48
CA TRP B 215 17.21 -7.32 -23.64
C TRP B 215 17.53 -5.93 -23.11
N SER B 216 16.74 -4.95 -23.52
CA SER B 216 16.93 -3.57 -23.06
C SER B 216 16.82 -3.48 -21.55
N TYR B 217 15.86 -4.21 -20.99
CA TYR B 217 15.69 -4.38 -19.56
C TYR B 217 16.98 -4.87 -18.92
N GLY B 218 17.62 -5.81 -19.59
CA GLY B 218 18.91 -6.33 -19.14
C GLY B 218 20.00 -5.28 -19.14
N VAL B 219 20.05 -4.46 -20.20
CA VAL B 219 21.06 -3.42 -20.31
C VAL B 219 20.86 -2.35 -19.25
N LEU B 220 19.61 -2.06 -18.94
CA LEU B 220 19.28 -1.13 -17.86
C LEU B 220 19.69 -1.70 -16.51
N MET B 221 19.50 -3.01 -16.33
CA MET B 221 19.94 -3.67 -15.12
C MET B 221 21.46 -3.58 -14.96
N PHE B 222 22.16 -3.82 -16.07
CA PHE B 222 23.61 -3.76 -16.08
C PHE B 222 24.09 -2.36 -15.72
N GLU B 223 23.48 -1.36 -16.37
CA GLU B 223 23.86 0.02 -16.17
C GLU B 223 23.60 0.46 -14.73
N MET B 224 22.43 0.09 -14.20
CA MET B 224 22.07 0.47 -12.84
C MET B 224 22.96 -0.22 -11.80
N LEU B 225 23.42 -1.43 -12.11
CA LEU B 225 24.23 -2.18 -11.16
C LEU B 225 25.73 -1.95 -11.32
N THR B 226 26.14 -1.25 -12.38
CA THR B 226 27.56 -1.00 -12.61
C THR B 226 27.87 0.45 -12.95
N GLY B 227 26.83 1.24 -13.22
CA GLY B 227 27.02 2.63 -13.59
C GLY B 227 27.69 2.73 -14.95
N THR B 228 27.68 1.63 -15.68
CA THR B 228 28.35 1.54 -16.97
C THR B 228 27.45 0.86 -18.00
N LEU B 229 27.62 1.23 -19.27
CA LEU B 229 26.90 0.55 -20.33
C LEU B 229 27.68 -0.69 -20.77
N PRO B 230 26.94 -1.78 -21.06
CA PRO B 230 27.58 -3.02 -21.54
C PRO B 230 28.27 -2.84 -22.89
N PHE B 231 27.68 -2.02 -23.76
CA PHE B 231 28.25 -1.74 -25.08
C PHE B 231 28.14 -0.26 -25.43
N GLN B 232 29.27 0.38 -25.75
CA GLN B 232 29.25 1.74 -26.26
C GLN B 232 30.57 2.11 -26.93
N GLY B 233 30.50 2.47 -28.21
CA GLY B 233 31.67 2.82 -28.99
C GLY B 233 31.80 4.30 -29.29
N LYS B 234 32.63 4.62 -30.27
CA LYS B 234 32.93 6.01 -30.63
C LYS B 234 31.80 6.65 -31.42
N ASP B 235 30.95 5.81 -32.02
CA ASP B 235 29.81 6.29 -32.77
C ASP B 235 28.68 5.26 -32.72
N ARG B 236 27.66 5.43 -33.55
CA ARG B 236 26.51 4.54 -33.53
C ARG B 236 26.86 3.16 -34.07
N ASN B 237 27.66 3.12 -35.12
CA ASN B 237 28.03 1.85 -35.75
C ASN B 237 29.01 1.03 -34.92
N GLU B 238 29.90 1.69 -34.19
CA GLU B 238 30.81 0.97 -33.32
C GLU B 238 29.99 0.33 -32.21
N THR B 239 29.03 1.09 -31.68
CA THR B 239 28.12 0.59 -30.65
C THR B 239 27.33 -0.61 -31.16
N MET B 240 26.85 -0.52 -32.40
CA MET B 240 26.06 -1.60 -32.99
C MET B 240 26.89 -2.87 -33.21
N ASN B 241 28.03 -2.73 -33.87
CA ASN B 241 28.95 -3.85 -34.08
C ASN B 241 29.39 -4.46 -32.77
N MET B 242 29.47 -3.64 -31.71
CA MET B 242 29.79 -4.13 -30.38
C MET B 242 28.65 -4.97 -29.83
N ILE B 243 27.43 -4.44 -29.94
CA ILE B 243 26.24 -5.17 -29.51
C ILE B 243 26.14 -6.52 -30.21
N LEU B 244 26.67 -6.58 -31.43
CA LEU B 244 26.64 -7.81 -32.21
C LEU B 244 27.79 -8.77 -31.89
N LYS B 245 28.98 -8.25 -31.62
CA LYS B 245 30.19 -9.07 -31.61
C LYS B 245 31.11 -8.91 -30.39
N ALA B 246 30.93 -7.84 -29.61
CA ALA B 246 31.90 -7.52 -28.56
C ALA B 246 31.85 -8.46 -27.37
N LYS B 247 32.94 -8.46 -26.61
CA LYS B 247 33.03 -9.22 -25.38
C LYS B 247 32.40 -8.44 -24.24
N LEU B 248 31.90 -9.17 -23.25
CA LEU B 248 31.33 -8.54 -22.07
C LEU B 248 31.65 -9.38 -20.84
N GLY B 249 32.71 -8.99 -20.14
CA GLY B 249 33.06 -9.63 -18.90
C GLY B 249 31.98 -9.40 -17.87
N MET B 250 31.74 -10.41 -17.04
CA MET B 250 30.77 -10.30 -15.96
C MET B 250 31.38 -9.55 -14.78
N PRO B 251 30.72 -8.46 -14.35
CA PRO B 251 31.12 -7.78 -13.12
C PRO B 251 31.12 -8.75 -11.94
N GLN B 252 32.27 -8.94 -11.32
CA GLN B 252 32.43 -9.96 -10.28
C GLN B 252 31.85 -9.54 -8.94
N PHE B 253 31.68 -8.23 -8.73
CA PHE B 253 31.20 -7.73 -7.45
C PHE B 253 29.71 -7.98 -7.26
N LEU B 254 29.04 -8.41 -8.33
CA LEU B 254 27.61 -8.70 -8.28
C LEU B 254 27.35 -10.08 -7.69
N SER B 255 26.19 -10.25 -7.08
CA SER B 255 25.83 -11.52 -6.47
C SER B 255 25.50 -12.56 -7.54
N ALA B 256 25.53 -13.83 -7.14
CA ALA B 256 25.27 -14.94 -8.04
C ALA B 256 23.93 -14.78 -8.75
N GLU B 257 22.94 -14.28 -8.03
CA GLU B 257 21.58 -14.16 -8.55
C GLU B 257 21.48 -13.06 -9.59
N ALA B 258 22.15 -11.95 -9.33
CA ALA B 258 22.24 -10.85 -10.28
C ALA B 258 22.99 -11.30 -11.53
N GLN B 259 24.15 -11.91 -11.32
CA GLN B 259 24.95 -12.44 -12.42
C GLN B 259 24.15 -13.40 -13.28
N SER B 260 23.32 -14.21 -12.63
CA SER B 260 22.49 -15.19 -13.29
C SER B 260 21.45 -14.51 -14.16
N LEU B 261 20.73 -13.56 -13.57
CA LEU B 261 19.71 -12.81 -14.29
C LEU B 261 20.29 -12.12 -15.52
N LEU B 262 21.43 -11.46 -15.32
CA LEU B 262 22.16 -10.81 -16.39
C LEU B 262 22.50 -11.79 -17.50
N ARG B 263 23.08 -12.92 -17.10
CA ARG B 263 23.45 -13.99 -18.03
C ARG B 263 22.27 -14.39 -18.90
N MET B 264 21.11 -14.54 -18.27
CA MET B 264 19.92 -15.04 -18.96
C MET B 264 19.24 -14.00 -19.85
N LEU B 265 19.32 -12.72 -19.47
CA LEU B 265 18.74 -11.66 -20.28
C LEU B 265 19.61 -11.34 -21.49
N PHE B 266 20.92 -11.34 -21.29
CA PHE B 266 21.87 -11.04 -22.35
C PHE B 266 22.07 -12.23 -23.29
N LYS B 267 20.97 -12.75 -23.84
CA LYS B 267 21.03 -13.73 -24.90
C LYS B 267 20.81 -13.02 -26.22
N ARG B 268 21.76 -13.17 -27.15
CA ARG B 268 21.71 -12.42 -28.40
C ARG B 268 20.53 -12.85 -29.29
N ASN B 269 20.17 -14.13 -29.21
CA ASN B 269 19.02 -14.63 -29.94
C ASN B 269 17.78 -14.62 -29.05
N PRO B 270 16.72 -13.92 -29.48
CA PRO B 270 15.49 -13.74 -28.68
C PRO B 270 14.82 -15.04 -28.25
N ALA B 271 15.04 -16.14 -28.95
CA ALA B 271 14.40 -17.41 -28.62
C ALA B 271 15.04 -18.04 -27.39
N ASN B 272 16.31 -17.71 -27.16
CA ASN B 272 17.06 -18.24 -26.03
C ASN B 272 17.04 -17.26 -24.87
N ARG B 273 16.53 -16.07 -25.14
CA ARG B 273 16.53 -15.00 -24.16
C ARG B 273 15.46 -15.21 -23.09
N LEU B 274 15.75 -14.77 -21.88
CA LEU B 274 14.79 -14.86 -20.79
C LEU B 274 13.63 -13.92 -21.05
N GLY B 275 12.42 -14.37 -20.74
CA GLY B 275 11.23 -13.57 -20.94
C GLY B 275 10.55 -13.85 -22.27
N SER B 276 11.12 -14.74 -23.06
CA SER B 276 10.55 -15.13 -24.35
C SER B 276 9.39 -16.10 -24.16
N GLU B 277 9.42 -16.82 -23.05
CA GLU B 277 8.38 -17.79 -22.73
C GLU B 277 7.33 -17.19 -21.81
N GLY B 278 7.59 -15.97 -21.35
CA GLY B 278 6.66 -15.29 -20.47
C GLY B 278 7.35 -14.49 -19.37
N VAL B 279 6.57 -13.76 -18.59
CA VAL B 279 7.11 -12.97 -17.50
C VAL B 279 7.26 -13.81 -16.24
N GLU B 280 6.65 -14.99 -16.24
CA GLU B 280 6.72 -15.90 -15.10
C GLU B 280 8.18 -16.30 -14.84
N GLU B 281 8.91 -16.59 -15.91
CA GLU B 281 10.31 -16.94 -15.84
C GLU B 281 11.08 -15.90 -15.04
N ILE B 282 10.90 -14.64 -15.41
CA ILE B 282 11.56 -13.53 -14.74
C ILE B 282 11.10 -13.34 -13.29
N LYS B 283 9.82 -13.55 -13.02
CA LYS B 283 9.31 -13.39 -11.67
C LYS B 283 9.79 -14.48 -10.73
N ARG B 284 10.14 -15.63 -11.30
CA ARG B 284 10.57 -16.77 -10.50
C ARG B 284 12.09 -16.88 -10.41
N HIS B 285 12.80 -15.90 -10.96
CA HIS B 285 14.26 -15.93 -10.92
C HIS B 285 14.74 -15.68 -9.49
N LEU B 286 15.80 -16.40 -9.11
CA LEU B 286 16.36 -16.33 -7.76
C LEU B 286 16.67 -14.91 -7.29
N PHE B 287 16.91 -14.02 -8.25
CA PHE B 287 17.20 -12.64 -7.94
C PHE B 287 16.00 -11.95 -7.30
N PHE B 288 14.80 -12.26 -7.78
CA PHE B 288 13.58 -11.68 -7.23
C PHE B 288 12.86 -12.58 -6.24
N ALA B 289 13.60 -13.36 -5.46
CA ALA B 289 12.97 -14.34 -4.57
C ALA B 289 12.31 -13.69 -3.35
N ASN B 290 12.77 -12.51 -2.98
CA ASN B 290 12.21 -11.81 -1.83
C ASN B 290 11.03 -10.95 -2.22
N ILE B 291 10.80 -10.84 -3.52
CA ILE B 291 9.76 -9.94 -4.04
C ILE B 291 8.37 -10.56 -3.95
N ASP B 292 7.45 -9.82 -3.34
CA ASP B 292 6.04 -10.15 -3.41
C ASP B 292 5.43 -9.31 -4.52
N TRP B 293 5.23 -9.93 -5.68
CA TRP B 293 4.79 -9.22 -6.86
C TRP B 293 3.37 -8.66 -6.70
N ASP B 294 2.59 -9.28 -5.84
CA ASP B 294 1.21 -8.86 -5.60
C ASP B 294 1.15 -7.55 -4.83
N LYS B 295 1.90 -7.45 -3.74
CA LYS B 295 1.94 -6.23 -2.96
C LYS B 295 2.78 -5.19 -3.67
N LEU B 296 3.67 -5.63 -4.54
CA LEU B 296 4.44 -4.74 -5.38
C LEU B 296 3.51 -4.03 -6.34
N TYR B 297 2.67 -4.82 -7.00
CA TYR B 297 1.72 -4.31 -7.98
C TYR B 297 0.74 -3.32 -7.36
N LYS B 298 0.31 -3.61 -6.13
CA LYS B 298 -0.63 -2.74 -5.43
C LYS B 298 0.09 -1.58 -4.77
N ARG B 299 1.36 -1.42 -5.12
CA ARG B 299 2.20 -0.35 -4.59
C ARG B 299 2.23 -0.37 -3.08
N GLU B 300 2.28 -1.59 -2.53
CA GLU B 300 2.37 -1.80 -1.09
C GLU B 300 3.79 -2.22 -0.74
N VAL B 301 4.75 -1.78 -1.55
CA VAL B 301 6.15 -2.01 -1.29
C VAL B 301 6.87 -0.69 -1.31
N GLN B 302 7.41 -0.30 -0.15
CA GLN B 302 7.99 1.03 -0.01
C GLN B 302 9.25 1.21 -0.85
N PRO B 303 9.29 2.32 -1.61
CA PRO B 303 10.46 2.67 -2.41
C PRO B 303 11.70 2.93 -1.56
N PRO B 304 12.88 2.55 -2.07
CA PRO B 304 14.16 2.81 -1.39
C PRO B 304 14.41 4.29 -1.14
N PHE B 305 13.99 5.12 -2.09
CA PHE B 305 14.28 6.55 -2.01
C PHE B 305 13.06 7.42 -2.31
N LYS B 306 12.82 8.40 -1.45
CA LYS B 306 11.84 9.43 -1.72
C LYS B 306 12.47 10.56 -2.51
N PRO B 307 11.80 10.98 -3.58
CA PRO B 307 12.25 12.11 -4.41
C PRO B 307 12.26 13.43 -3.64
PG ANP C . -18.50 -1.26 17.76
O1G ANP C . -18.73 -2.72 18.06
O2G ANP C . -17.51 -0.60 18.68
O3G ANP C . -19.77 -0.47 17.55
PB ANP C . -18.63 -1.66 14.75
O1B ANP C . -20.06 -1.87 15.16
O2B ANP C . -18.32 -0.63 13.70
N3B ANP C . -17.71 -1.25 16.19
PA ANP C . -16.69 -3.67 14.73
O1A ANP C . -16.71 -3.63 16.24
O2A ANP C . -15.57 -3.01 13.97
O3A ANP C . -18.08 -3.06 14.19
O5' ANP C . -16.77 -5.22 14.27
C5' ANP C . -18.00 -5.76 13.79
C4' ANP C . -17.79 -7.21 13.40
O4' ANP C . -17.33 -7.31 12.06
C3' ANP C . -16.76 -7.88 14.30
O3' ANP C . -17.38 -8.94 15.04
C2' ANP C . -15.65 -8.37 13.38
O2' ANP C . -15.46 -9.79 13.45
C1' ANP C . -16.06 -7.96 11.98
N9 ANP C . -15.05 -7.05 11.40
C8 ANP C . -14.97 -5.72 11.64
N7 ANP C . -13.92 -5.17 10.96
C5 ANP C . -13.32 -6.15 10.28
C6 ANP C . -12.17 -6.26 9.35
N6 ANP C . -11.43 -5.16 9.03
N1 ANP C . -11.87 -7.47 8.85
C2 ANP C . -12.59 -8.57 9.16
N3 ANP C . -13.66 -8.54 9.98
C4 ANP C . -14.07 -7.39 10.56
PG ANP D . 11.01 9.18 -26.07
O1G ANP D . 12.22 9.86 -25.46
O2G ANP D . 11.36 8.16 -27.12
O3G ANP D . 9.99 8.68 -25.07
PB ANP D . 9.47 11.83 -26.08
O1B ANP D . 8.03 11.51 -25.77
O2B ANP D . 9.75 13.05 -26.91
N3B ANP D . 10.18 10.46 -26.92
PA ANP D . 9.93 11.16 -23.38
O1A ANP D . 11.01 10.14 -23.23
O2A ANP D . 8.48 10.73 -23.39
O3A ANP D . 10.24 12.05 -24.68
O5' ANP D . 10.12 12.25 -22.20
C5' ANP D . 11.06 13.31 -22.36
C4' ANP D . 11.33 13.97 -21.02
O4' ANP D . 10.22 14.79 -20.64
C3' ANP D . 11.54 12.97 -19.90
O3' ANP D . 12.93 12.71 -19.71
C2' ANP D . 10.91 13.63 -18.68
O2' ANP D . 11.89 14.37 -17.94
C1' ANP D . 9.90 14.60 -19.25
N9 ANP D . 8.55 14.01 -19.11
C8 ANP D . 7.95 13.22 -20.01
N7 ANP D . 6.71 12.84 -19.59
C5 ANP D . 6.52 13.40 -18.38
C6 ANP D . 5.43 13.40 -17.38
N6 ANP D . 4.29 12.71 -17.58
N1 ANP D . 5.63 14.12 -16.25
C2 ANP D . 6.77 14.80 -16.03
N3 ANP D . 7.79 14.84 -16.90
C4 ANP D . 7.73 14.17 -18.07
#